data_1P4B
#
_entry.id   1P4B
#
_cell.length_a   37.238
_cell.length_b   36.291
_cell.length_c   84.455
_cell.angle_alpha   90.00
_cell.angle_beta   90.50
_cell.angle_gamma   90.00
#
_symmetry.space_group_name_H-M   'P 1 21 1'
#
loop_
_entity.id
_entity.type
_entity.pdbx_description
1 polymer 'Antibody Variable light chain'
2 polymer 'Antibody Variable heavy chain'
3 polymer 'GCN4(7P-14P) peptide'
4 water water
#
loop_
_entity_poly.entity_id
_entity_poly.type
_entity_poly.pdbx_seq_one_letter_code
_entity_poly.pdbx_strand_id
1 'polypeptide(L)'
;MADYADAVVTQESALTTSPGETVTLTCRSSTGAVTTSNYASWVQEKPDHLFTGLIGGTNNRAPGVPARFSGSLIGDKAAL
TITGAQTEDEAIYFCALWYSNHWVFGGGTKLTVLGGGGGSGGGGSGGGGSGGGGS
;
L
2 'polypeptide(L)'
;DVQLQQSGPGLVAPSQSLSITCTVSGFSLTDYGVNWVRQSPGKGLEWLGVIWGDGITDYNSALKSRLSVTKDNSKSQVFL
KMNSLQSGDSARYYCVTGLFDYWGQGTTLTVSSASGADHHHHHH
;
H
3 'polypeptide(L)' AHLENEVARLKK P
#
# COMPACT_ATOMS: atom_id res chain seq x y z
N ALA A 5 4.40 -11.26 18.23
CA ALA A 5 3.52 -10.18 17.66
C ALA A 5 2.90 -10.57 16.32
N ASP A 6 3.15 -9.78 15.29
CA ASP A 6 2.57 -10.03 13.97
C ASP A 6 3.29 -10.93 12.98
N ALA A 7 2.58 -11.24 11.91
CA ALA A 7 3.06 -12.11 10.85
C ALA A 7 4.10 -11.53 9.91
N VAL A 8 4.81 -12.45 9.25
CA VAL A 8 5.84 -12.13 8.26
C VAL A 8 5.25 -12.51 6.91
N VAL A 9 5.38 -11.61 5.94
CA VAL A 9 4.87 -11.85 4.58
C VAL A 9 6.08 -12.09 3.69
N THR A 10 6.14 -13.25 3.03
CA THR A 10 7.30 -13.56 2.19
C THR A 10 7.07 -13.67 0.69
N GLN A 11 7.93 -13.00 -0.07
CA GLN A 11 7.90 -13.00 -1.53
C GLN A 11 9.27 -13.42 -2.07
N GLU A 12 9.31 -13.92 -3.30
CA GLU A 12 10.61 -14.30 -3.89
C GLU A 12 11.38 -13.01 -4.10
N SER A 13 12.70 -13.08 -3.99
CA SER A 13 13.51 -11.88 -4.15
C SER A 13 13.52 -11.43 -5.60
N ALA A 14 13.86 -12.36 -6.49
CA ALA A 14 13.92 -12.03 -7.91
C ALA A 14 13.27 -13.08 -8.80
N LEU A 15 12.73 -12.59 -9.91
CA LEU A 15 12.09 -13.43 -10.91
C LEU A 15 12.42 -12.82 -12.27
N THR A 16 12.52 -13.65 -13.29
CA THR A 16 12.84 -13.19 -14.63
C THR A 16 11.96 -13.80 -15.71
N THR A 17 11.59 -13.01 -16.70
CA THR A 17 10.75 -13.52 -17.78
C THR A 17 11.09 -12.80 -19.08
N SER A 18 10.28 -13.03 -20.10
CA SER A 18 10.47 -12.40 -21.39
C SER A 18 9.11 -12.07 -22.01
N PRO A 19 9.09 -11.08 -22.90
CA PRO A 19 7.86 -10.64 -23.56
C PRO A 19 7.02 -11.81 -24.08
N GLY A 20 5.71 -11.72 -23.87
CA GLY A 20 4.82 -12.77 -24.33
C GLY A 20 4.74 -13.98 -23.42
N GLU A 21 5.69 -14.11 -22.49
CA GLU A 21 5.65 -15.24 -21.57
C GLU A 21 4.70 -14.98 -20.40
N THR A 22 4.49 -16.01 -19.59
CA THR A 22 3.61 -15.91 -18.42
C THR A 22 4.43 -16.13 -17.15
N VAL A 23 4.13 -15.35 -16.11
CA VAL A 23 4.87 -15.49 -14.86
C VAL A 23 3.91 -15.35 -13.67
N THR A 24 4.28 -16.01 -12.57
CA THR A 24 3.48 -15.97 -11.36
C THR A 24 4.25 -15.56 -10.11
N LEU A 25 3.84 -14.43 -9.53
CA LEU A 25 4.47 -13.92 -8.32
C LEU A 25 3.65 -14.41 -7.13
N THR A 26 4.31 -14.97 -6.11
CA THR A 26 3.58 -15.46 -4.94
C THR A 26 3.81 -14.68 -3.64
N CYS A 27 2.95 -14.99 -2.66
CA CYS A 27 2.96 -14.30 -1.38
C CYS A 27 2.61 -15.28 -0.24
N ARG A 28 3.57 -15.52 0.65
CA ARG A 28 3.35 -16.43 1.77
C ARG A 28 3.11 -15.71 3.10
N SER A 29 2.28 -16.32 3.94
CA SER A 29 1.97 -15.78 5.26
C SER A 29 2.48 -16.73 6.37
N SER A 30 3.17 -16.17 7.36
CA SER A 30 3.73 -16.96 8.46
C SER A 30 2.69 -17.53 9.43
N THR A 31 1.42 -17.15 9.27
CA THR A 31 0.40 -17.65 10.19
C THR A 31 -0.32 -18.87 9.62
N GLY A 32 0.05 -19.25 8.40
CA GLY A 32 -0.59 -20.38 7.77
C GLY A 32 -1.06 -20.01 6.38
N ALA A 33 -1.97 -20.81 5.83
CA ALA A 33 -2.48 -20.55 4.49
C ALA A 33 -3.05 -19.14 4.39
N VAL A 34 -2.87 -18.52 3.24
CA VAL A 34 -3.41 -17.19 3.01
C VAL A 34 -4.87 -17.44 2.73
N THR A 35 -5.72 -16.47 3.03
CA THR A 35 -7.14 -16.65 2.82
C THR A 35 -7.78 -15.40 2.25
N THR A 36 -9.07 -15.46 1.96
CA THR A 36 -9.79 -14.31 1.42
C THR A 36 -9.94 -13.18 2.43
N SER A 37 -9.79 -13.52 3.71
CA SER A 37 -9.91 -12.53 4.78
C SER A 37 -8.62 -11.73 4.92
N ASN A 38 -7.58 -12.15 4.20
CA ASN A 38 -6.31 -11.44 4.22
C ASN A 38 -6.34 -10.36 3.14
N TYR A 39 -7.42 -10.35 2.36
CA TYR A 39 -7.60 -9.38 1.29
C TYR A 39 -6.33 -9.04 0.52
N ALA A 40 -5.60 -10.06 0.09
CA ALA A 40 -4.34 -9.91 -0.64
C ALA A 40 -4.39 -8.78 -1.68
N SER A 41 -3.37 -7.94 -1.68
CA SER A 41 -3.32 -6.81 -2.59
C SER A 41 -1.92 -6.70 -3.17
N TRP A 42 -1.81 -6.16 -4.37
CA TRP A 42 -0.51 -6.05 -5.04
C TRP A 42 -0.23 -4.69 -5.65
N VAL A 43 0.94 -4.14 -5.37
CA VAL A 43 1.29 -2.85 -5.93
C VAL A 43 2.64 -2.93 -6.64
N GLN A 44 2.74 -2.18 -7.73
CA GLN A 44 3.92 -2.14 -8.55
C GLN A 44 4.72 -0.87 -8.37
N GLU A 45 6.00 -1.04 -8.07
CA GLU A 45 6.89 0.11 -7.91
C GLU A 45 7.83 0.15 -9.13
N LYS A 46 7.74 1.21 -9.90
CA LYS A 46 8.60 1.38 -11.06
C LYS A 46 9.70 2.37 -10.69
N PRO A 47 10.77 2.44 -11.48
CA PRO A 47 11.84 3.39 -11.15
C PRO A 47 11.21 4.75 -10.88
N ASP A 48 11.85 5.56 -10.06
CA ASP A 48 11.34 6.89 -9.73
C ASP A 48 10.27 6.78 -8.64
N HIS A 49 10.26 5.64 -7.94
CA HIS A 49 9.28 5.41 -6.88
C HIS A 49 7.86 5.63 -7.35
N LEU A 50 7.60 5.27 -8.60
CA LEU A 50 6.26 5.43 -9.17
C LEU A 50 5.41 4.23 -8.74
N PHE A 51 4.45 4.48 -7.84
CA PHE A 51 3.59 3.43 -7.34
C PHE A 51 2.22 3.40 -7.98
N THR A 52 1.75 2.18 -8.24
CA THR A 52 0.45 1.94 -8.85
C THR A 52 -0.09 0.66 -8.27
N GLY A 53 -1.38 0.66 -7.93
CA GLY A 53 -2.00 -0.53 -7.39
C GLY A 53 -2.43 -1.40 -8.55
N LEU A 54 -2.30 -2.71 -8.40
CA LEU A 54 -2.67 -3.63 -9.48
C LEU A 54 -3.87 -4.48 -9.11
N ILE A 55 -3.72 -5.22 -8.03
CA ILE A 55 -4.76 -6.11 -7.55
C ILE A 55 -5.11 -5.79 -6.10
N GLY A 56 -6.41 -5.81 -5.79
CA GLY A 56 -6.86 -5.54 -4.44
C GLY A 56 -7.88 -6.57 -4.01
N GLY A 57 -7.72 -7.06 -2.80
CA GLY A 57 -8.66 -8.05 -2.31
C GLY A 57 -8.65 -9.36 -3.05
N THR A 58 -7.45 -9.92 -3.23
CA THR A 58 -7.27 -11.21 -3.90
C THR A 58 -7.32 -11.25 -5.43
N ASN A 59 -8.45 -10.89 -6.03
CA ASN A 59 -8.56 -10.97 -7.48
C ASN A 59 -9.34 -9.85 -8.18
N ASN A 60 -9.17 -8.62 -7.72
CA ASN A 60 -9.88 -7.51 -8.33
C ASN A 60 -8.85 -6.56 -8.93
N ARG A 61 -9.06 -6.19 -10.19
CA ARG A 61 -8.14 -5.27 -10.85
C ARG A 61 -8.50 -3.83 -10.51
N ALA A 62 -7.51 -3.08 -10.06
CA ALA A 62 -7.74 -1.67 -9.73
C ALA A 62 -7.98 -0.95 -11.05
N PRO A 63 -9.24 -0.56 -11.32
CA PRO A 63 -9.63 0.13 -12.54
C PRO A 63 -8.51 0.87 -13.27
N GLY A 64 -8.36 0.58 -14.56
CA GLY A 64 -7.33 1.18 -15.37
C GLY A 64 -6.15 0.24 -15.52
N VAL A 65 -6.18 -0.85 -14.75
CA VAL A 65 -5.12 -1.85 -14.76
C VAL A 65 -5.30 -2.86 -15.90
N PRO A 66 -4.26 -3.03 -16.74
CA PRO A 66 -4.27 -3.97 -17.86
C PRO A 66 -4.74 -5.35 -17.45
N ALA A 67 -5.68 -5.92 -18.22
CA ALA A 67 -6.25 -7.23 -17.94
C ALA A 67 -5.26 -8.40 -17.93
N ARG A 68 -4.00 -8.16 -18.30
CA ARG A 68 -3.03 -9.26 -18.29
C ARG A 68 -2.65 -9.59 -16.86
N PHE A 69 -3.00 -8.69 -15.95
CA PHE A 69 -2.72 -8.86 -14.53
C PHE A 69 -3.90 -9.55 -13.86
N SER A 70 -3.64 -10.69 -13.22
CA SER A 70 -4.69 -11.42 -12.51
C SER A 70 -4.15 -11.85 -11.15
N GLY A 71 -5.05 -12.19 -10.24
CA GLY A 71 -4.64 -12.61 -8.92
C GLY A 71 -5.58 -13.69 -8.43
N SER A 72 -5.10 -14.52 -7.53
CA SER A 72 -5.93 -15.59 -6.99
C SER A 72 -5.14 -16.20 -5.86
N LEU A 73 -5.69 -17.26 -5.26
CA LEU A 73 -5.01 -17.94 -4.18
C LEU A 73 -4.66 -19.34 -4.66
N ILE A 74 -3.40 -19.74 -4.45
CA ILE A 74 -2.96 -21.05 -4.86
C ILE A 74 -2.17 -21.66 -3.72
N GLY A 75 -2.35 -22.96 -3.50
CA GLY A 75 -1.64 -23.67 -2.45
C GLY A 75 -1.13 -22.88 -1.26
N ASP A 76 -2.05 -22.40 -0.43
CA ASP A 76 -1.68 -21.66 0.78
C ASP A 76 -1.08 -20.29 0.56
N LYS A 77 -0.99 -19.85 -0.69
CA LYS A 77 -0.41 -18.54 -0.97
C LYS A 77 -1.26 -17.68 -1.90
N ALA A 78 -0.97 -16.39 -1.91
CA ALA A 78 -1.66 -15.43 -2.79
C ALA A 78 -0.78 -15.36 -4.03
N ALA A 79 -1.40 -15.19 -5.19
CA ALA A 79 -0.62 -15.13 -6.41
C ALA A 79 -1.07 -14.09 -7.42
N LEU A 80 -0.09 -13.43 -8.02
CA LEU A 80 -0.33 -12.44 -9.06
C LEU A 80 0.25 -13.08 -10.33
N THR A 81 -0.54 -13.11 -11.39
CA THR A 81 -0.09 -13.70 -12.64
C THR A 81 -0.18 -12.73 -13.80
N ILE A 82 0.89 -12.67 -14.56
CA ILE A 82 0.93 -11.81 -15.74
C ILE A 82 0.90 -12.75 -16.95
N THR A 83 -0.22 -12.78 -17.65
CA THR A 83 -0.36 -13.63 -18.81
C THR A 83 0.06 -12.87 -20.07
N GLY A 84 1.32 -13.05 -20.47
CA GLY A 84 1.82 -12.36 -21.64
C GLY A 84 2.49 -11.06 -21.24
N ALA A 85 3.60 -11.17 -20.51
CA ALA A 85 4.34 -10.00 -20.05
C ALA A 85 4.71 -9.08 -21.19
N GLN A 86 5.10 -7.87 -20.82
CA GLN A 86 5.52 -6.86 -21.77
C GLN A 86 6.75 -6.20 -21.15
N THR A 87 7.54 -5.49 -21.94
CA THR A 87 8.76 -4.86 -21.42
C THR A 87 8.58 -3.85 -20.31
N GLU A 88 7.46 -3.11 -20.32
CA GLU A 88 7.19 -2.11 -19.28
C GLU A 88 6.90 -2.76 -17.92
N ASP A 89 6.47 -4.02 -17.93
CA ASP A 89 6.16 -4.74 -16.70
C ASP A 89 7.37 -5.05 -15.81
N GLU A 90 8.54 -4.53 -16.18
CA GLU A 90 9.73 -4.75 -15.37
C GLU A 90 9.70 -3.78 -14.20
N ALA A 91 9.57 -4.31 -12.98
CA ALA A 91 9.51 -3.47 -11.80
C ALA A 91 9.54 -4.31 -10.54
N ILE A 92 9.38 -3.67 -9.39
CA ILE A 92 9.36 -4.39 -8.13
C ILE A 92 7.91 -4.55 -7.74
N TYR A 93 7.54 -5.76 -7.34
CA TYR A 93 6.17 -6.07 -6.95
C TYR A 93 6.02 -6.36 -5.46
N PHE A 94 5.12 -5.62 -4.83
CA PHE A 94 4.86 -5.76 -3.40
C PHE A 94 3.49 -6.35 -3.14
N CYS A 95 3.45 -7.27 -2.20
CA CYS A 95 2.20 -7.89 -1.81
C CYS A 95 1.86 -7.35 -0.42
N ALA A 96 0.57 -7.29 -0.08
CA ALA A 96 0.15 -6.81 1.25
C ALA A 96 -1.04 -7.59 1.77
N LEU A 97 -0.91 -8.17 2.96
CA LEU A 97 -1.97 -8.95 3.60
C LEU A 97 -2.60 -8.20 4.78
N TRP A 98 -3.85 -8.52 5.08
CA TRP A 98 -4.56 -7.87 6.17
C TRP A 98 -4.79 -8.83 7.31
N TYR A 99 -4.45 -8.41 8.53
CA TYR A 99 -4.63 -9.26 9.71
C TYR A 99 -5.58 -8.69 10.78
N SER A 100 -6.87 -8.64 10.45
CA SER A 100 -7.91 -8.17 11.35
C SER A 100 -7.92 -6.67 11.68
N ASN A 101 -6.76 -6.07 11.91
CA ASN A 101 -6.74 -4.65 12.22
C ASN A 101 -5.48 -3.96 11.72
N HIS A 102 -4.80 -4.59 10.75
CA HIS A 102 -3.59 -4.02 10.17
C HIS A 102 -3.03 -4.78 8.95
N TRP A 103 -2.26 -4.05 8.14
CA TRP A 103 -1.63 -4.59 6.94
C TRP A 103 -0.16 -4.89 7.15
N VAL A 104 0.34 -5.90 6.45
CA VAL A 104 1.76 -6.26 6.50
C VAL A 104 2.26 -6.43 5.06
N PHE A 105 3.28 -5.66 4.68
CA PHE A 105 3.85 -5.74 3.34
C PHE A 105 4.94 -6.78 3.21
N GLY A 106 4.97 -7.47 2.06
CA GLY A 106 6.02 -8.43 1.82
C GLY A 106 7.27 -7.65 1.43
N GLY A 107 8.42 -8.30 1.38
CA GLY A 107 9.65 -7.61 1.02
C GLY A 107 9.78 -7.18 -0.44
N GLY A 108 8.88 -7.59 -1.31
CA GLY A 108 8.98 -7.20 -2.69
C GLY A 108 9.72 -8.20 -3.56
N THR A 109 9.32 -8.26 -4.83
CA THR A 109 9.94 -9.16 -5.81
C THR A 109 10.37 -8.36 -7.03
N LYS A 110 11.67 -8.33 -7.30
CA LYS A 110 12.12 -7.60 -8.49
C LYS A 110 11.92 -8.48 -9.72
N LEU A 111 11.15 -7.97 -10.67
CA LEU A 111 10.85 -8.71 -11.88
C LEU A 111 11.61 -8.16 -13.07
N THR A 112 12.34 -9.04 -13.76
CA THR A 112 13.10 -8.66 -14.95
C THR A 112 12.47 -9.26 -16.20
N VAL A 113 12.24 -8.39 -17.20
CA VAL A 113 11.66 -8.82 -18.46
C VAL A 113 12.75 -8.67 -19.51
N LEU A 114 13.49 -9.74 -19.76
CA LEU A 114 14.56 -9.71 -20.76
C LEU A 114 14.02 -9.44 -22.15
N ASP B 1 -11.72 8.54 -12.42
CA ASP B 1 -10.35 8.77 -11.87
C ASP B 1 -10.35 9.51 -10.53
N VAL B 2 -9.48 9.07 -9.63
CA VAL B 2 -9.35 9.67 -8.31
C VAL B 2 -7.93 10.18 -8.13
N GLN B 3 -7.76 11.31 -7.45
CA GLN B 3 -6.43 11.86 -7.22
C GLN B 3 -6.19 12.16 -5.75
N LEU B 4 -4.94 12.03 -5.32
CA LEU B 4 -4.55 12.30 -3.94
C LEU B 4 -3.35 13.25 -4.00
N GLN B 5 -3.50 14.40 -3.34
CA GLN B 5 -2.45 15.42 -3.35
C GLN B 5 -1.91 15.65 -1.93
N GLN B 6 -0.62 15.44 -1.75
CA GLN B 6 0.01 15.63 -0.45
C GLN B 6 0.60 17.02 -0.34
N SER B 7 0.54 17.57 0.86
CA SER B 7 1.07 18.90 1.14
C SER B 7 1.41 19.01 2.62
N GLY B 8 1.27 20.20 3.18
CA GLY B 8 1.59 20.37 4.59
C GLY B 8 3.08 20.62 4.74
N PRO B 9 3.48 21.40 5.76
CA PRO B 9 4.90 21.72 6.01
C PRO B 9 5.87 20.54 6.14
N GLY B 10 5.37 19.43 6.65
CA GLY B 10 6.22 18.27 6.83
C GLY B 10 7.09 18.45 8.07
N LEU B 11 7.89 19.52 8.05
CA LEU B 11 8.83 19.90 9.13
C LEU B 11 10.23 19.30 8.91
N VAL B 12 10.93 18.98 10.01
CA VAL B 12 12.26 18.35 10.01
C VAL B 12 12.67 18.07 11.45
N ALA B 13 13.58 18.92 11.94
CA ALA B 13 14.14 18.94 13.29
C ALA B 13 13.79 17.79 14.22
N PRO B 14 14.79 17.16 14.84
CA PRO B 14 14.59 16.04 15.78
C PRO B 14 13.93 16.48 17.08
N SER B 15 13.17 15.57 17.70
CA SER B 15 12.43 15.84 18.94
C SER B 15 11.07 16.42 18.55
N GLN B 16 11.02 17.11 17.41
CA GLN B 16 9.76 17.67 16.91
C GLN B 16 9.02 16.64 16.04
N SER B 17 8.07 17.10 15.23
CA SER B 17 7.33 16.15 14.41
C SER B 17 7.09 16.43 12.92
N LEU B 18 6.38 15.51 12.30
CA LEU B 18 6.01 15.59 10.90
C LEU B 18 4.50 15.81 10.79
N SER B 19 4.10 16.65 9.83
CA SER B 19 2.69 16.91 9.62
C SER B 19 2.39 16.92 8.12
N ILE B 20 1.51 16.03 7.69
CA ILE B 20 1.18 15.93 6.26
C ILE B 20 -0.33 15.92 6.01
N THR B 21 -0.75 16.63 4.97
CA THR B 21 -2.15 16.72 4.59
C THR B 21 -2.37 16.07 3.23
N CYS B 22 -3.38 15.22 3.15
CA CYS B 22 -3.70 14.55 1.90
C CYS B 22 -5.12 14.90 1.45
N THR B 23 -5.24 15.60 0.34
CA THR B 23 -6.54 15.99 -0.21
C THR B 23 -6.97 14.98 -1.28
N VAL B 24 -8.14 14.36 -1.11
CA VAL B 24 -8.63 13.40 -2.09
C VAL B 24 -9.69 13.97 -3.02
N SER B 25 -9.85 13.34 -4.16
CA SER B 25 -10.82 13.75 -5.18
C SER B 25 -11.35 12.48 -5.83
N GLY B 26 -12.62 12.49 -6.22
CA GLY B 26 -13.20 11.32 -6.83
C GLY B 26 -14.01 10.45 -5.89
N PHE B 27 -14.00 10.77 -4.60
CA PHE B 27 -14.76 10.01 -3.61
C PHE B 27 -14.78 10.70 -2.25
N SER B 28 -15.78 10.39 -1.42
CA SER B 28 -15.89 11.02 -0.11
C SER B 28 -15.32 10.18 1.02
N LEU B 29 -14.68 10.87 1.95
CA LEU B 29 -14.07 10.25 3.11
C LEU B 29 -15.11 9.58 4.01
N THR B 30 -16.38 9.90 3.79
CA THR B 30 -17.45 9.32 4.60
C THR B 30 -17.69 7.87 4.21
N ASP B 31 -17.42 7.54 2.95
CA ASP B 31 -17.60 6.18 2.45
C ASP B 31 -16.42 5.24 2.59
N TYR B 32 -15.23 5.71 2.23
CA TYR B 32 -14.05 4.85 2.26
C TYR B 32 -12.84 5.35 3.05
N GLY B 33 -11.96 4.40 3.38
CA GLY B 33 -10.78 4.71 4.17
C GLY B 33 -9.53 5.09 3.42
N VAL B 34 -8.62 5.75 4.13
CA VAL B 34 -7.35 6.17 3.58
C VAL B 34 -6.20 5.64 4.42
N ASN B 35 -5.17 5.11 3.75
CA ASN B 35 -3.99 4.55 4.41
C ASN B 35 -2.81 5.50 4.37
N TRP B 36 -1.83 5.23 5.21
CA TRP B 36 -0.60 6.01 5.22
C TRP B 36 0.50 4.97 5.19
N VAL B 37 1.52 5.23 4.39
CA VAL B 37 2.63 4.30 4.22
C VAL B 37 3.93 5.08 4.00
N ARG B 38 5.06 4.48 4.38
CA ARG B 38 6.34 5.13 4.18
C ARG B 38 7.36 4.10 3.73
N GLN B 39 8.37 4.57 3.01
CA GLN B 39 9.45 3.73 2.51
C GLN B 39 10.79 4.42 2.70
N SER B 40 11.69 3.79 3.47
CA SER B 40 13.00 4.38 3.69
C SER B 40 13.99 3.71 2.72
N PRO B 41 14.91 4.49 2.13
CA PRO B 41 15.94 4.06 1.17
C PRO B 41 16.48 2.64 1.42
N GLY B 42 16.47 1.82 0.37
CA GLY B 42 16.98 0.47 0.49
C GLY B 42 16.08 -0.48 1.25
N LYS B 43 15.18 0.08 2.06
CA LYS B 43 14.27 -0.76 2.84
C LYS B 43 12.90 -0.85 2.19
N GLY B 44 12.14 -1.85 2.63
CA GLY B 44 10.81 -2.06 2.09
C GLY B 44 9.78 -1.07 2.62
N LEU B 45 8.54 -1.29 2.20
CA LEU B 45 7.41 -0.46 2.58
C LEU B 45 6.89 -0.91 3.92
N GLU B 46 6.33 0.02 4.67
CA GLU B 46 5.73 -0.33 5.94
C GLU B 46 4.47 0.47 6.19
N TRP B 47 3.41 -0.26 6.48
CA TRP B 47 2.12 0.34 6.74
C TRP B 47 2.17 1.11 8.07
N LEU B 48 1.67 2.34 8.06
CA LEU B 48 1.65 3.17 9.27
C LEU B 48 0.24 3.19 9.89
N GLY B 49 -0.76 3.38 9.04
CA GLY B 49 -2.12 3.41 9.53
C GLY B 49 -3.19 3.72 8.49
N VAL B 50 -4.44 3.51 8.92
CA VAL B 50 -5.61 3.75 8.10
C VAL B 50 -6.75 4.37 8.90
N ILE B 51 -7.51 5.24 8.24
CA ILE B 51 -8.66 5.86 8.87
C ILE B 51 -9.87 5.58 7.98
N TRP B 52 -10.80 4.80 8.50
CA TRP B 52 -12.00 4.41 7.77
C TRP B 52 -13.02 5.53 7.64
N GLY B 53 -14.05 5.27 6.84
CA GLY B 53 -15.09 6.24 6.62
C GLY B 53 -15.78 6.68 7.90
N ASP B 54 -16.20 5.73 8.71
CA ASP B 54 -16.87 5.99 9.98
C ASP B 54 -15.96 6.58 11.08
N GLY B 55 -14.77 7.02 10.70
CA GLY B 55 -13.87 7.59 11.68
C GLY B 55 -12.98 6.64 12.46
N ILE B 56 -13.28 5.35 12.48
CA ILE B 56 -12.44 4.40 13.21
C ILE B 56 -11.02 4.37 12.65
N THR B 57 -10.04 4.23 13.54
CA THR B 57 -8.65 4.23 13.13
C THR B 57 -7.90 2.99 13.56
N ASP B 58 -6.97 2.57 12.71
CA ASP B 58 -6.15 1.39 12.98
C ASP B 58 -4.72 1.82 12.78
N TYR B 59 -3.87 1.50 13.74
CA TYR B 59 -2.47 1.89 13.68
C TYR B 59 -1.47 0.74 13.68
N ASN B 60 -0.25 1.06 13.26
CA ASN B 60 0.85 0.13 13.25
C ASN B 60 1.18 -0.04 14.75
N SER B 61 0.99 -1.25 15.24
CA SER B 61 1.20 -1.58 16.66
C SER B 61 2.47 -1.09 17.34
N ALA B 62 3.51 -0.80 16.57
CA ALA B 62 4.77 -0.37 17.15
C ALA B 62 5.03 1.12 17.04
N LEU B 63 4.17 1.82 16.30
CA LEU B 63 4.33 3.26 16.13
C LEU B 63 3.13 4.01 16.70
N LYS B 64 2.13 3.24 17.09
CA LYS B 64 0.87 3.72 17.65
C LYS B 64 0.95 4.96 18.55
N SER B 65 1.80 4.90 19.56
CA SER B 65 1.95 5.99 20.51
C SER B 65 2.46 7.32 19.96
N ARG B 66 3.14 7.29 18.81
CA ARG B 66 3.72 8.51 18.25
C ARG B 66 3.01 9.11 17.06
N LEU B 67 1.91 8.51 16.62
CA LEU B 67 1.22 9.08 15.48
C LEU B 67 -0.28 9.30 15.66
N SER B 68 -0.81 10.23 14.89
CA SER B 68 -2.23 10.55 14.96
C SER B 68 -2.73 10.79 13.56
N VAL B 69 -3.83 10.14 13.22
CA VAL B 69 -4.43 10.30 11.91
C VAL B 69 -5.86 10.82 12.06
N THR B 70 -6.14 12.00 11.53
CA THR B 70 -7.47 12.58 11.64
C THR B 70 -7.94 13.06 10.27
N LYS B 71 -9.22 13.39 10.15
CA LYS B 71 -9.74 13.84 8.86
C LYS B 71 -10.95 14.77 8.94
N ASP B 72 -11.07 15.62 7.94
CA ASP B 72 -12.20 16.53 7.82
C ASP B 72 -13.02 16.07 6.62
N ASN B 73 -14.09 15.34 6.89
CA ASN B 73 -14.95 14.83 5.83
C ASN B 73 -15.47 15.85 4.82
N SER B 74 -15.75 17.06 5.29
CA SER B 74 -16.28 18.11 4.41
C SER B 74 -15.24 18.72 3.49
N LYS B 75 -13.99 18.74 3.93
CA LYS B 75 -12.94 19.33 3.10
C LYS B 75 -12.19 18.26 2.34
N SER B 76 -12.62 17.01 2.49
CA SER B 76 -11.97 15.88 1.84
C SER B 76 -10.48 15.90 2.13
N GLN B 77 -10.13 15.93 3.41
CA GLN B 77 -8.74 15.94 3.83
C GLN B 77 -8.48 14.91 4.88
N VAL B 78 -7.24 14.46 4.95
CA VAL B 78 -6.81 13.49 5.94
C VAL B 78 -5.46 13.98 6.40
N PHE B 79 -5.27 14.02 7.71
CA PHE B 79 -4.02 14.52 8.25
C PHE B 79 -3.23 13.45 8.98
N LEU B 80 -1.91 13.50 8.82
CA LEU B 80 -1.02 12.56 9.47
C LEU B 80 -0.04 13.36 10.29
N LYS B 81 0.09 12.98 11.55
CA LYS B 81 1.03 13.63 12.44
C LYS B 81 1.83 12.51 13.10
N MET B 82 3.15 12.63 13.08
CA MET B 82 4.01 11.65 13.72
C MET B 82 4.94 12.49 14.57
N ASN B 83 5.09 12.13 15.83
CA ASN B 83 5.94 12.92 16.74
C ASN B 83 7.18 12.19 17.23
N SER B 84 8.00 12.93 17.98
CA SER B 84 9.23 12.38 18.55
C SER B 84 9.99 11.69 17.41
N LEU B 85 10.20 12.43 16.34
CA LEU B 85 10.90 11.88 15.19
C LEU B 85 12.36 11.55 15.50
N GLN B 86 12.90 10.58 14.77
CA GLN B 86 14.28 10.17 14.93
C GLN B 86 14.85 9.87 13.54
N SER B 87 16.17 9.88 13.43
CA SER B 87 16.84 9.61 12.16
C SER B 87 16.17 8.47 11.40
N GLY B 88 15.83 7.41 12.10
CA GLY B 88 15.17 6.27 11.48
C GLY B 88 13.81 6.56 10.85
N ASP B 89 13.27 7.75 11.10
CA ASP B 89 11.97 8.12 10.52
C ASP B 89 12.14 8.74 9.14
N SER B 90 13.36 9.11 8.80
CA SER B 90 13.63 9.67 7.49
C SER B 90 13.08 8.65 6.49
N ALA B 91 12.32 9.13 5.51
CA ALA B 91 11.73 8.26 4.52
C ALA B 91 10.82 9.07 3.59
N ARG B 92 10.08 8.35 2.76
CA ARG B 92 9.16 8.97 1.83
C ARG B 92 7.78 8.52 2.32
N TYR B 93 6.90 9.47 2.58
CA TYR B 93 5.55 9.18 3.09
C TYR B 93 4.45 9.30 2.05
N TYR B 94 3.61 8.27 1.97
CA TYR B 94 2.54 8.26 0.99
C TYR B 94 1.18 8.03 1.59
N CYS B 95 0.16 8.68 1.04
CA CYS B 95 -1.21 8.44 1.47
C CYS B 95 -1.79 7.61 0.32
N VAL B 96 -2.59 6.60 0.67
CA VAL B 96 -3.13 5.69 -0.33
C VAL B 96 -4.57 5.26 -0.02
N THR B 97 -5.25 4.72 -1.02
CA THR B 97 -6.63 4.28 -0.86
C THR B 97 -6.78 2.97 -0.13
N GLY B 98 -8.03 2.54 0.02
CA GLY B 98 -8.37 1.33 0.75
C GLY B 98 -7.68 0.02 0.48
N LEU B 99 -7.34 -0.26 -0.78
CA LEU B 99 -6.66 -1.51 -1.10
C LEU B 99 -5.39 -1.19 -1.86
N PHE B 100 -4.84 -0.02 -1.54
CA PHE B 100 -3.61 0.47 -2.13
C PHE B 100 -3.68 0.67 -3.64
N ASP B 101 -4.89 0.83 -4.17
CA ASP B 101 -5.09 1.02 -5.59
C ASP B 101 -4.65 2.38 -6.14
N TYR B 102 -4.90 3.47 -5.41
CA TYR B 102 -4.48 4.79 -5.87
C TYR B 102 -3.46 5.42 -4.93
N TRP B 103 -2.45 6.07 -5.50
CA TRP B 103 -1.38 6.67 -4.69
C TRP B 103 -1.19 8.19 -4.78
N GLY B 104 -0.63 8.76 -3.71
CA GLY B 104 -0.35 10.18 -3.68
C GLY B 104 1.09 10.32 -4.15
N GLN B 105 1.50 11.52 -4.56
CA GLN B 105 2.86 11.71 -5.04
C GLN B 105 3.98 11.54 -3.99
N GLY B 106 3.60 11.34 -2.73
CA GLY B 106 4.60 11.16 -1.70
C GLY B 106 5.27 12.42 -1.21
N THR B 107 5.86 12.34 -0.01
CA THR B 107 6.56 13.46 0.60
C THR B 107 7.82 12.94 1.24
N THR B 108 8.95 13.58 0.95
CA THR B 108 10.22 13.14 1.50
C THR B 108 10.51 13.82 2.83
N LEU B 109 10.90 13.02 3.81
CA LEU B 109 11.22 13.52 5.14
C LEU B 109 12.64 13.20 5.56
N THR B 110 13.45 14.23 5.76
CA THR B 110 14.81 14.02 6.21
C THR B 110 14.86 14.53 7.63
N VAL B 111 14.99 13.61 8.58
CA VAL B 111 15.04 13.98 9.98
C VAL B 111 16.47 14.21 10.46
N SER B 112 16.59 14.80 11.64
CA SER B 112 17.86 15.12 12.27
C SER B 112 18.37 16.45 11.73
N ALA C 1 -18.10 -5.12 7.31
CA ALA C 1 -16.64 -4.86 7.45
C ALA C 1 -16.15 -3.78 6.49
N HIS C 2 -15.10 -3.13 6.89
CA HIS C 2 -14.50 -2.04 6.10
C HIS C 2 -13.92 -2.59 4.80
N LEU C 3 -13.22 -3.71 4.89
CA LEU C 3 -12.62 -4.30 3.71
C LEU C 3 -13.64 -4.77 2.70
N GLU C 4 -14.61 -5.56 3.16
CA GLU C 4 -15.64 -6.04 2.23
C GLU C 4 -16.26 -4.85 1.51
N ASN C 5 -16.10 -3.66 2.08
CA ASN C 5 -16.65 -2.44 1.52
C ASN C 5 -15.69 -1.86 0.47
N GLU C 6 -14.40 -1.99 0.70
CA GLU C 6 -13.42 -1.51 -0.27
C GLU C 6 -13.48 -2.44 -1.48
N VAL C 7 -13.75 -3.71 -1.21
CA VAL C 7 -13.85 -4.71 -2.26
C VAL C 7 -15.04 -4.37 -3.15
N ALA C 8 -16.15 -4.02 -2.52
CA ALA C 8 -17.34 -3.68 -3.28
C ALA C 8 -17.01 -2.48 -4.17
N ARG C 9 -16.14 -1.60 -3.67
CA ARG C 9 -15.75 -0.44 -4.44
C ARG C 9 -14.92 -0.80 -5.69
N LEU C 10 -13.94 -1.67 -5.52
CA LEU C 10 -13.09 -2.07 -6.66
C LEU C 10 -13.88 -2.70 -7.78
N LYS C 11 -14.84 -3.56 -7.44
CA LYS C 11 -15.67 -4.18 -8.45
C LYS C 11 -16.52 -3.10 -9.13
N LYS C 12 -16.47 -1.90 -8.56
CA LYS C 12 -17.20 -0.71 -9.02
C LYS C 12 -18.37 -0.30 -8.10
#